data_4H4J
#
_entry.id   4H4J
#
_cell.length_a   46.349
_cell.length_b   63.713
_cell.length_c   72.962
_cell.angle_alpha   90.000
_cell.angle_beta   90.000
_cell.angle_gamma   90.000
#
_symmetry.space_group_name_H-M   'P 21 21 21'
#
loop_
_entity.id
_entity.type
_entity.pdbx_description
1 polymer 'hypothetical protein'
2 water water
#
_entity_poly.entity_id   1
_entity_poly.type   'polypeptide(L)'
_entity_poly.pdbx_seq_one_letter_code
;GQGGKD(MSE)LSNGIKYLDVPYVAHTLEADGPEELVINCDEVDCTTLVEYVLAETLTPKLADGDISESAFADNLQKIRY
RDGKIDGYTSRLHYIADWINNGVRNGFLQDVTGA(MSE)SPDTERLSISY(MSE)SSHPQLYKQLANSPENVAK(MSE)K
KIEQSLSGKEVHYLPKAKLPADGLPWIKDGDIIAITTNTPGLDVAH(MSE)GIAFYADNKLLLVHASSTDKKVVVSKVPL
SQ(MSE)LKDNNKWTGIRVLR(MSE)KK
;
_entity_poly.pdbx_strand_id   A
#
# COMPACT_ATOMS: atom_id res chain seq x y z
N GLY A 1 -7.64 19.51 4.38
CA GLY A 1 -8.34 19.85 5.66
C GLY A 1 -7.88 19.02 6.83
N GLN A 2 -8.76 18.89 7.84
CA GLN A 2 -8.37 18.22 9.06
C GLN A 2 -7.96 16.76 8.81
N GLY A 3 -8.65 16.07 7.91
CA GLY A 3 -8.33 14.67 7.73
C GLY A 3 -6.93 14.44 7.23
N GLY A 4 -6.52 15.25 6.27
CA GLY A 4 -5.15 15.15 5.75
C GLY A 4 -4.12 15.50 6.81
N LYS A 5 -4.38 16.55 7.59
CA LYS A 5 -3.55 16.88 8.75
C LYS A 5 -3.39 15.72 9.71
N ASP A 6 -4.50 15.04 9.99
CA ASP A 6 -4.47 13.92 10.89
C ASP A 6 -3.77 12.69 10.32
N LEU A 8 -1.31 12.85 8.20
CA LEU A 8 0.09 13.23 8.23
C LEU A 8 0.63 13.12 9.64
N SER A 9 -0.10 13.67 10.62
CA SER A 9 0.42 13.64 11.97
CA SER A 9 0.29 13.64 12.03
C SER A 9 0.49 12.22 12.53
N ASN A 10 -0.46 11.36 12.18
CA ASN A 10 -0.37 9.98 12.60
C ASN A 10 0.79 9.29 11.91
N GLY A 11 1.05 9.62 10.64
CA GLY A 11 2.23 9.07 9.98
C GLY A 11 3.54 9.49 10.66
N ILE A 12 3.62 10.76 11.04
CA ILE A 12 4.78 11.31 11.71
CA ILE A 12 4.80 11.28 11.66
C ILE A 12 5.07 10.60 13.01
N LYS A 13 4.03 10.10 13.70
CA LYS A 13 4.21 9.30 14.92
CA LYS A 13 4.24 9.36 14.93
C LYS A 13 5.07 8.08 14.71
N TYR A 14 5.12 7.56 13.47
CA TYR A 14 5.91 6.40 13.18
C TYR A 14 7.35 6.67 12.81
N LEU A 15 7.80 7.92 12.78
CA LEU A 15 9.19 8.15 12.46
C LEU A 15 10.07 7.33 13.38
N ASP A 16 11.09 6.72 12.79
CA ASP A 16 12.09 5.93 13.49
C ASP A 16 11.65 4.52 13.89
N VAL A 17 10.40 4.16 13.62
CA VAL A 17 9.98 2.80 13.79
C VAL A 17 10.76 1.91 12.83
N PRO A 18 11.31 0.78 13.31
CA PRO A 18 12.07 -0.07 12.44
C PRO A 18 11.30 -0.68 11.28
N TYR A 19 12.02 -0.87 10.17
N TYR A 19 12.00 -0.85 10.17
CA TYR A 19 11.53 -1.59 9.01
CA TYR A 19 11.51 -1.57 9.01
C TYR A 19 11.79 -3.08 9.24
C TYR A 19 11.78 -3.07 9.20
N VAL A 20 10.74 -3.88 9.18
CA VAL A 20 10.85 -5.34 9.25
C VAL A 20 9.88 -5.92 8.23
N ALA A 21 10.39 -6.78 7.35
CA ALA A 21 9.60 -7.47 6.36
C ALA A 21 8.88 -8.66 6.98
N HIS A 22 7.76 -9.03 6.39
CA HIS A 22 7.05 -10.28 6.70
C HIS A 22 6.40 -10.34 8.08
N THR A 23 6.11 -9.19 8.65
CA THR A 23 5.49 -9.16 9.97
C THR A 23 4.10 -9.79 10.01
N LEU A 24 3.42 -9.96 8.88
CA LEU A 24 2.08 -10.53 8.86
C LEU A 24 2.08 -12.03 8.55
N GLU A 25 3.25 -12.60 8.37
N GLU A 25 3.26 -12.61 8.26
CA GLU A 25 3.29 -14.00 8.05
CA GLU A 25 3.37 -13.96 7.57
C GLU A 25 3.56 -14.88 9.30
C GLU A 25 3.45 -15.24 8.47
N ALA A 26 2.59 -14.92 10.21
N ALA A 26 2.90 -15.19 9.67
CA ALA A 26 2.50 -15.93 11.28
CA ALA A 26 2.94 -16.36 10.58
C ALA A 26 2.13 -17.31 10.65
C ALA A 26 2.26 -17.62 9.98
N ASP A 27 2.59 -18.46 11.16
N ASP A 27 2.83 -18.78 10.32
CA ASP A 27 2.14 -19.76 10.56
CA ASP A 27 2.16 -20.05 10.08
C ASP A 27 0.72 -20.03 11.03
C ASP A 27 0.86 -20.07 10.87
N GLY A 28 -0.03 -20.90 10.36
CA GLY A 28 -1.37 -21.15 10.88
C GLY A 28 -2.33 -20.29 10.11
N PRO A 29 -3.57 -20.22 10.59
CA PRO A 29 -4.56 -19.58 9.80
C PRO A 29 -4.30 -18.08 9.66
N GLU A 30 -4.72 -17.54 8.54
CA GLU A 30 -4.67 -16.08 8.40
C GLU A 30 -5.61 -15.47 9.46
N GLU A 31 -5.07 -14.54 10.27
CA GLU A 31 -5.78 -13.81 11.32
CA GLU A 31 -5.86 -13.77 11.21
C GLU A 31 -5.21 -12.40 11.34
N LEU A 32 -5.97 -11.50 11.93
CA LEU A 32 -5.49 -10.11 12.06
C LEU A 32 -4.24 -10.01 12.91
N VAL A 33 -3.15 -9.52 12.35
CA VAL A 33 -1.88 -9.34 13.05
C VAL A 33 -1.64 -7.83 13.19
N ILE A 34 -1.40 -7.37 14.41
CA ILE A 34 -1.10 -5.95 14.67
C ILE A 34 0.30 -5.88 15.22
N ASN A 35 1.21 -5.27 14.47
CA ASN A 35 2.55 -5.07 14.93
C ASN A 35 2.94 -3.65 14.55
N CYS A 36 2.63 -2.71 15.42
CA CYS A 36 2.88 -1.33 15.13
C CYS A 36 4.34 -0.92 15.43
N ASP A 37 5.11 -1.81 16.05
CA ASP A 37 6.49 -1.52 16.41
C ASP A 37 7.49 -1.93 15.35
N GLU A 38 7.04 -2.64 14.33
CA GLU A 38 7.91 -3.11 13.24
C GLU A 38 7.04 -3.14 12.00
N VAL A 39 7.41 -2.36 10.97
CA VAL A 39 6.52 -2.15 9.86
C VAL A 39 7.22 -2.34 8.53
N ASP A 40 6.45 -2.54 7.48
CA ASP A 40 6.93 -2.42 6.12
C ASP A 40 6.16 -1.31 5.43
N CYS A 41 6.43 -1.09 4.16
CA CYS A 41 5.87 0.05 3.44
CA CYS A 41 5.85 0.12 3.54
C CYS A 41 4.34 0.07 3.47
N THR A 42 3.74 -1.13 3.36
CA THR A 42 2.29 -1.25 3.33
CA THR A 42 2.28 -1.20 3.34
C THR A 42 1.69 -1.25 4.73
N THR A 43 2.29 -2.00 5.65
CA THR A 43 1.69 -2.02 6.98
C THR A 43 1.71 -0.63 7.64
N LEU A 44 2.74 0.16 7.36
CA LEU A 44 2.77 1.54 7.89
C LEU A 44 1.51 2.27 7.46
N VAL A 45 1.24 2.26 6.16
CA VAL A 45 0.08 2.98 5.65
C VAL A 45 -1.21 2.43 6.23
N GLU A 46 -1.32 1.10 6.31
CA GLU A 46 -2.51 0.50 6.90
C GLU A 46 -2.73 0.93 8.34
N TYR A 47 -1.68 0.94 9.16
CA TYR A 47 -1.89 1.34 10.56
C TYR A 47 -2.24 2.81 10.67
N VAL A 48 -1.63 3.65 9.84
CA VAL A 48 -1.92 5.07 9.90
C VAL A 48 -3.35 5.37 9.47
N LEU A 49 -3.77 4.74 8.38
CA LEU A 49 -5.13 4.89 7.91
C LEU A 49 -6.14 4.34 8.93
N ALA A 50 -5.85 3.18 9.50
CA ALA A 50 -6.74 2.61 10.52
C ALA A 50 -6.90 3.53 11.70
N GLU A 51 -5.80 4.07 12.20
CA GLU A 51 -5.87 4.96 13.34
C GLU A 51 -6.64 6.23 12.98
N THR A 52 -6.40 6.79 11.81
CA THR A 52 -7.00 8.07 11.46
C THR A 52 -8.50 7.92 11.23
N LEU A 53 -8.91 6.75 10.75
CA LEU A 53 -10.31 6.45 10.59
C LEU A 53 -11.03 6.20 11.91
N THR A 54 -10.33 5.99 13.00
CA THR A 54 -10.94 5.63 14.26
C THR A 54 -11.11 6.93 15.03
N PRO A 55 -12.36 7.24 15.39
CA PRO A 55 -12.59 8.50 16.11
C PRO A 55 -11.76 8.63 17.40
N LYS A 56 -11.08 9.78 17.57
CA LYS A 56 -10.26 10.07 18.75
CA LYS A 56 -10.28 10.06 18.77
C LYS A 56 -11.14 10.74 19.83
N LEU A 57 -11.11 10.19 21.04
CA LEU A 57 -11.89 10.69 22.18
C LEU A 57 -11.00 11.41 23.21
N ALA A 58 -9.69 11.19 23.12
N ILE A 62 -6.23 5.41 20.82
CA ILE A 62 -7.60 5.09 20.38
C ILE A 62 -8.07 3.76 20.91
N SER A 63 -9.40 3.56 20.83
CA SER A 63 -10.03 2.30 21.14
C SER A 63 -9.34 1.20 20.36
N GLU A 64 -8.85 0.20 21.06
CA GLU A 64 -8.21 -0.94 20.44
C GLU A 64 -9.14 -1.71 19.53
N SER A 65 -10.36 -2.00 19.98
CA SER A 65 -11.35 -2.73 19.22
C SER A 65 -11.69 -1.93 17.95
N ALA A 66 -11.86 -0.60 18.07
CA ALA A 66 -12.25 0.21 16.92
C ALA A 66 -11.11 0.23 15.90
N PHE A 67 -9.87 0.42 16.39
CA PHE A 67 -8.70 0.39 15.55
C PHE A 67 -8.61 -0.92 14.78
N ALA A 68 -8.75 -2.03 15.50
CA ALA A 68 -8.67 -3.37 14.92
C ALA A 68 -9.73 -3.54 13.83
N ASP A 69 -10.96 -3.11 14.12
CA ASP A 69 -11.99 -3.25 13.14
CA ASP A 69 -12.04 -3.20 13.15
C ASP A 69 -11.68 -2.46 11.89
N ASN A 70 -11.19 -1.23 12.03
CA ASN A 70 -10.82 -0.47 10.87
C ASN A 70 -9.64 -1.10 10.11
N LEU A 71 -8.63 -1.61 10.83
CA LEU A 71 -7.50 -2.26 10.18
C LEU A 71 -7.98 -3.45 9.37
N GLN A 72 -8.89 -4.20 9.93
CA GLN A 72 -9.41 -5.37 9.23
C GLN A 72 -10.16 -5.00 7.96
N LYS A 73 -10.90 -3.91 7.99
CA LYS A 73 -11.60 -3.36 6.86
CA LYS A 73 -11.60 -3.49 6.82
C LYS A 73 -10.67 -2.95 5.74
N ILE A 74 -9.49 -2.45 6.14
CA ILE A 74 -8.48 -1.97 5.20
C ILE A 74 -7.69 -3.12 4.60
N ARG A 75 -7.32 -4.08 5.41
CA ARG A 75 -6.35 -5.08 5.02
C ARG A 75 -6.96 -6.24 4.25
N TYR A 76 -8.24 -6.56 4.48
CA TYR A 76 -8.93 -7.70 3.92
C TYR A 76 -10.06 -7.25 3.04
N ARG A 77 -10.26 -8.10 2.00
CA ARG A 77 -11.29 -7.87 1.02
C ARG A 77 -12.67 -7.77 1.70
N ASP A 78 -13.30 -6.61 1.64
CA ASP A 78 -14.57 -6.33 2.33
C ASP A 78 -14.51 -6.64 3.84
N GLY A 79 -13.31 -6.59 4.42
CA GLY A 79 -13.14 -6.79 5.83
C GLY A 79 -13.32 -8.21 6.27
N LYS A 80 -13.37 -9.15 5.34
CA LYS A 80 -13.73 -10.53 5.65
CA LYS A 80 -13.72 -10.53 5.66
C LYS A 80 -12.45 -11.35 5.63
N ILE A 81 -12.05 -11.82 6.78
CA ILE A 81 -10.85 -12.64 6.86
C ILE A 81 -11.22 -14.07 6.42
N ASP A 82 -10.51 -14.59 5.42
CA ASP A 82 -10.81 -15.91 4.82
C ASP A 82 -9.57 -16.39 4.08
N GLY A 83 -8.57 -16.77 4.85
CA GLY A 83 -7.35 -17.30 4.35
C GLY A 83 -6.38 -16.23 3.81
N TYR A 84 -5.19 -16.69 3.48
CA TYR A 84 -4.14 -15.82 2.93
C TYR A 84 -4.57 -14.95 1.76
N THR A 85 -5.35 -15.54 0.87
CA THR A 85 -5.76 -14.80 -0.31
C THR A 85 -6.85 -13.76 -0.09
N SER A 86 -7.42 -13.70 1.12
CA SER A 86 -8.36 -12.62 1.46
C SER A 86 -7.64 -11.33 1.81
N ARG A 87 -6.35 -11.45 2.12
CA ARG A 87 -5.53 -10.24 2.38
C ARG A 87 -5.32 -9.55 1.04
N LEU A 88 -5.40 -8.24 1.06
CA LEU A 88 -5.33 -7.46 -0.21
C LEU A 88 -3.88 -7.16 -0.62
N HIS A 89 -3.22 -8.16 -1.16
CA HIS A 89 -1.83 -8.12 -1.52
C HIS A 89 -1.50 -7.12 -2.60
N TYR A 90 -2.29 -7.09 -3.65
CA TYR A 90 -2.05 -6.16 -4.73
C TYR A 90 -2.69 -4.80 -4.42
N ILE A 91 -1.91 -3.74 -4.59
CA ILE A 91 -2.38 -2.44 -4.21
C ILE A 91 -3.55 -2.00 -5.08
N ALA A 92 -3.64 -2.38 -6.36
CA ALA A 92 -4.84 -2.03 -7.10
C ALA A 92 -6.08 -2.58 -6.41
N ASP A 93 -5.97 -3.80 -5.88
CA ASP A 93 -7.09 -4.43 -5.18
C ASP A 93 -7.40 -3.77 -3.84
N TRP A 94 -6.34 -3.41 -3.13
CA TRP A 94 -6.42 -2.67 -1.86
C TRP A 94 -7.15 -1.34 -2.10
N ILE A 95 -6.78 -0.64 -3.16
CA ILE A 95 -7.42 0.62 -3.52
C ILE A 95 -8.89 0.37 -3.83
N ASN A 96 -9.19 -0.62 -4.64
CA ASN A 96 -10.57 -0.91 -5.01
C ASN A 96 -11.44 -1.18 -3.78
N ASN A 97 -10.87 -1.91 -2.84
CA ASN A 97 -11.57 -2.21 -1.60
C ASN A 97 -11.93 -0.93 -0.85
N GLY A 98 -10.97 -0.02 -0.73
CA GLY A 98 -11.23 1.21 -0.03
C GLY A 98 -12.22 2.12 -0.73
N VAL A 99 -12.15 2.19 -2.06
CA VAL A 99 -13.09 2.98 -2.82
C VAL A 99 -14.50 2.40 -2.69
N ARG A 100 -14.62 1.09 -2.89
CA ARG A 100 -15.92 0.40 -2.82
C ARG A 100 -16.57 0.56 -1.46
N ASN A 101 -15.77 0.46 -0.42
CA ASN A 101 -16.28 0.51 0.95
C ASN A 101 -16.21 1.89 1.57
N GLY A 102 -15.97 2.91 0.79
CA GLY A 102 -16.23 4.30 1.15
C GLY A 102 -15.18 5.00 1.99
N PHE A 103 -14.00 4.41 2.14
CA PHE A 103 -12.97 5.04 2.99
C PHE A 103 -11.73 5.55 2.25
N LEU A 104 -11.73 5.39 0.91
CA LEU A 104 -10.73 5.99 0.06
C LEU A 104 -11.41 6.67 -1.12
N GLN A 105 -10.79 7.76 -1.57
CA GLN A 105 -11.06 8.39 -2.84
CA GLN A 105 -11.05 8.43 -2.81
C GLN A 105 -9.83 8.23 -3.73
N ASP A 106 -10.07 7.96 -5.01
CA ASP A 106 -9.00 7.83 -6.00
C ASP A 106 -8.78 9.22 -6.61
N VAL A 107 -7.78 9.96 -6.10
CA VAL A 107 -7.54 11.33 -6.54
C VAL A 107 -6.92 11.37 -7.94
N THR A 108 -5.96 10.51 -8.23
CA THR A 108 -5.46 10.47 -9.60
C THR A 108 -6.56 10.10 -10.61
N GLY A 109 -7.54 9.31 -10.17
CA GLY A 109 -8.71 8.97 -10.97
C GLY A 109 -9.43 10.18 -11.48
N ALA A 110 -9.46 11.24 -10.69
CA ALA A 110 -10.11 12.52 -11.04
C ALA A 110 -9.20 13.51 -11.72
N SER A 112 -5.76 13.12 -13.01
CA SER A 112 -4.77 12.80 -14.00
C SER A 112 -5.41 12.12 -15.18
N PRO A 113 -5.20 12.64 -16.39
CA PRO A 113 -5.78 11.96 -17.55
C PRO A 113 -4.97 10.78 -18.04
N ASP A 114 -3.74 10.62 -17.56
CA ASP A 114 -2.92 9.46 -17.98
C ASP A 114 -3.45 8.19 -17.34
N THR A 115 -3.42 7.11 -18.11
CA THR A 115 -3.90 5.87 -17.64
C THR A 115 -2.97 4.73 -17.95
N GLU A 116 -3.13 3.66 -17.20
N GLU A 116 -3.14 3.66 -17.19
CA GLU A 116 -2.50 2.45 -17.57
CA GLU A 116 -2.46 2.43 -17.49
C GLU A 116 -3.43 1.29 -17.40
C GLU A 116 -3.42 1.28 -17.39
N ARG A 117 -3.20 0.28 -18.22
CA ARG A 117 -4.02 -0.90 -18.22
CA ARG A 117 -4.02 -0.91 -18.22
C ARG A 117 -3.37 -1.93 -17.33
N LEU A 118 -4.05 -2.34 -16.27
CA LEU A 118 -3.44 -3.23 -15.31
C LEU A 118 -3.13 -4.60 -15.93
N SER A 119 -1.98 -5.13 -15.60
CA SER A 119 -1.57 -6.45 -15.99
CA SER A 119 -1.55 -6.47 -15.99
C SER A 119 -0.92 -7.09 -14.78
N ILE A 120 -1.71 -7.85 -14.02
CA ILE A 120 -1.31 -8.30 -12.72
C ILE A 120 -1.26 -9.82 -12.72
N SER A 121 -0.10 -10.39 -12.39
CA SER A 121 0.16 -11.81 -12.42
C SER A 121 1.37 -12.25 -11.62
N TYR A 122 2.02 -11.36 -10.91
CA TYR A 122 3.33 -11.66 -10.36
C TYR A 122 3.31 -12.80 -9.33
N SER A 124 1.09 -15.35 -8.62
CA SER A 124 0.84 -16.70 -9.12
C SER A 124 1.94 -17.18 -10.04
N SER A 125 2.61 -16.25 -10.73
CA SER A 125 3.74 -16.54 -11.63
CA SER A 125 3.66 -16.70 -11.62
C SER A 125 4.99 -16.96 -10.90
N HIS A 126 5.12 -16.50 -9.68
CA HIS A 126 6.31 -16.69 -8.86
C HIS A 126 5.98 -17.18 -7.47
N PRO A 127 5.29 -18.30 -7.38
CA PRO A 127 4.77 -18.76 -6.07
C PRO A 127 5.84 -19.13 -5.09
N GLN A 128 7.03 -19.46 -5.60
CA GLN A 128 8.16 -19.84 -4.76
C GLN A 128 8.56 -18.72 -3.82
N LEU A 129 8.21 -17.49 -4.16
CA LEU A 129 8.56 -16.32 -3.35
C LEU A 129 7.65 -16.07 -2.14
N TYR A 130 6.58 -16.88 -1.95
N TYR A 130 6.53 -16.72 -2.04
CA TYR A 130 5.48 -16.68 -0.92
CA TYR A 130 5.69 -16.42 -0.96
C TYR A 130 4.99 -18.00 -0.21
C TYR A 130 5.79 -17.74 -0.32
N LYS A 131 5.22 -18.07 1.09
N LYS A 131 6.26 -17.80 0.92
CA LYS A 131 5.03 -19.32 1.82
CA LYS A 131 6.20 -19.06 1.68
C LYS A 131 3.64 -19.91 1.68
C LYS A 131 4.87 -19.74 1.43
N GLN A 132 2.63 -19.06 1.70
N GLN A 132 3.81 -18.94 1.48
CA GLN A 132 1.25 -19.50 1.60
CA GLN A 132 2.44 -19.47 1.47
C GLN A 132 0.76 -19.80 0.19
C GLN A 132 1.97 -19.89 0.09
N LEU A 133 1.63 -19.61 -0.80
N LEU A 133 2.75 -19.56 -0.94
CA LEU A 133 1.35 -20.06 -2.17
CA LEU A 133 2.45 -19.96 -2.31
C LEU A 133 2.18 -21.28 -2.55
C LEU A 133 3.37 -21.06 -2.78
N ALA A 134 3.43 -21.31 -2.12
N ALA A 134 4.60 -21.05 -2.25
CA ALA A 134 4.37 -22.35 -2.52
CA ALA A 134 5.68 -21.96 -2.58
C ALA A 134 3.85 -23.77 -2.37
C ALA A 134 5.33 -23.39 -2.30
N ASN A 135 3.03 -24.03 -1.37
N ASN A 135 4.43 -23.62 -1.37
CA ASN A 135 2.50 -25.40 -1.19
CA ASN A 135 4.03 -24.98 -1.10
C ASN A 135 0.99 -25.45 -1.07
C ASN A 135 2.54 -25.24 -1.23
N SER A 136 0.33 -24.42 -1.58
N SER A 136 1.81 -24.35 -1.91
CA SER A 136 -1.13 -24.39 -1.62
CA SER A 136 0.36 -24.45 -1.95
C SER A 136 -1.60 -24.14 -3.04
C SER A 136 -0.24 -24.15 -3.31
N PRO A 137 -1.78 -25.21 -3.81
N PRO A 137 -0.35 -25.17 -4.16
CA PRO A 137 -2.38 -25.05 -5.13
CA PRO A 137 -1.08 -25.06 -5.41
C PRO A 137 -3.77 -24.38 -5.06
C PRO A 137 -2.48 -24.48 -5.21
N GLU A 138 -4.49 -24.54 -3.96
N GLU A 138 -3.12 -24.80 -4.10
CA GLU A 138 -5.74 -23.84 -3.81
CA GLU A 138 -4.45 -24.27 -3.84
C GLU A 138 -5.54 -22.33 -3.74
C GLU A 138 -4.39 -22.75 -3.72
N ASN A 139 -4.59 -21.87 -2.92
N ASN A 139 -3.44 -22.22 -2.95
CA ASN A 139 -4.35 -20.43 -2.83
CA ASN A 139 -3.30 -20.77 -2.81
C ASN A 139 -3.84 -19.88 -4.15
C ASN A 139 -2.87 -20.12 -4.12
N VAL A 140 -3.02 -20.65 -4.89
N VAL A 140 -2.03 -20.79 -4.90
CA VAL A 140 -2.54 -20.17 -6.16
CA VAL A 140 -1.64 -20.27 -6.18
C VAL A 140 -3.71 -19.98 -7.11
C VAL A 140 -2.86 -20.10 -7.06
N ALA A 141 -4.63 -20.93 -7.15
N ALA A 141 -3.75 -21.09 -7.07
CA ALA A 141 -5.79 -20.81 -8.01
CA ALA A 141 -4.96 -21.04 -7.91
C ALA A 141 -6.67 -19.60 -7.63
C ALA A 141 -5.90 -19.89 -7.52
N LYS A 142 -6.88 -19.35 -6.34
N LYS A 142 -6.07 -19.67 -6.22
CA LYS A 142 -7.60 -18.15 -5.89
CA LYS A 142 -7.00 -18.60 -5.75
C LYS A 142 -6.75 -16.93 -6.26
C LYS A 142 -6.67 -17.19 -6.25
N LYS A 144 -4.80 -16.61 -8.90
CA LYS A 144 -5.00 -16.45 -10.33
C LYS A 144 -6.34 -15.80 -10.63
N LYS A 145 -7.42 -16.26 -9.98
CA LYS A 145 -8.73 -15.67 -10.21
CA LYS A 145 -8.73 -15.65 -10.24
C LYS A 145 -8.75 -14.19 -9.82
N ILE A 146 -8.11 -13.85 -8.69
CA ILE A 146 -8.03 -12.48 -8.26
C ILE A 146 -7.27 -11.65 -9.31
N GLU A 147 -6.12 -12.18 -9.77
CA GLU A 147 -5.33 -11.48 -10.77
C GLU A 147 -6.10 -11.28 -12.06
N GLN A 148 -6.83 -12.27 -12.50
CA GLN A 148 -7.60 -12.16 -13.73
C GLN A 148 -8.68 -11.09 -13.61
N SER A 149 -9.31 -10.96 -12.45
CA SER A 149 -10.33 -9.94 -12.18
CA SER A 149 -10.33 -9.95 -12.34
C SER A 149 -9.76 -8.54 -12.21
N LEU A 150 -8.53 -8.42 -11.71
CA LEU A 150 -7.87 -7.11 -11.61
C LEU A 150 -7.36 -6.64 -12.95
N SER A 151 -6.90 -7.57 -13.76
CA SER A 151 -6.22 -7.24 -14.99
C SER A 151 -7.15 -6.76 -16.06
N GLY A 152 -6.65 -5.95 -16.98
CA GLY A 152 -7.40 -5.45 -18.12
C GLY A 152 -8.17 -4.20 -17.83
N LYS A 153 -8.10 -3.73 -16.61
CA LYS A 153 -8.82 -2.54 -16.18
CA LYS A 153 -8.83 -2.54 -16.20
C LYS A 153 -7.90 -1.34 -16.34
N GLU A 154 -8.46 -0.20 -16.74
CA GLU A 154 -7.68 1.02 -16.80
C GLU A 154 -7.75 1.71 -15.46
N VAL A 155 -6.60 2.21 -15.05
CA VAL A 155 -6.53 3.05 -13.87
C VAL A 155 -5.78 4.33 -14.26
N HIS A 156 -6.04 5.41 -13.57
CA HIS A 156 -5.33 6.65 -13.76
C HIS A 156 -4.12 6.72 -12.89
N TYR A 157 -3.06 7.35 -13.41
CA TYR A 157 -1.85 7.54 -12.63
C TYR A 157 -1.19 8.82 -13.10
N LEU A 158 -0.21 9.28 -12.33
CA LEU A 158 0.61 10.43 -12.72
C LEU A 158 1.99 9.92 -13.08
N PRO A 159 2.37 10.01 -14.40
CA PRO A 159 3.69 9.63 -14.78
C PRO A 159 4.74 10.43 -14.03
N LYS A 160 5.86 9.81 -13.70
CA LYS A 160 6.85 10.47 -12.83
C LYS A 160 7.39 11.75 -13.41
N ALA A 161 7.55 11.85 -14.73
CA ALA A 161 8.08 13.06 -15.31
C ALA A 161 7.15 14.25 -15.10
N LYS A 162 5.89 14.00 -14.81
CA LYS A 162 4.89 15.05 -14.57
C LYS A 162 4.71 15.46 -13.12
N LEU A 163 5.53 14.90 -12.25
CA LEU A 163 5.53 15.29 -10.84
C LEU A 163 6.71 16.23 -10.56
N PRO A 164 6.45 17.49 -10.24
CA PRO A 164 7.53 18.39 -9.83
C PRO A 164 8.00 18.14 -8.41
N ALA A 165 9.21 18.63 -8.12
CA ALA A 165 9.75 18.58 -6.76
C ALA A 165 8.80 19.23 -5.76
N ASP A 166 8.14 20.29 -6.18
CA ASP A 166 7.30 21.00 -5.27
CA ASP A 166 7.23 21.08 -5.33
C ASP A 166 5.83 20.50 -5.34
N GLY A 167 5.66 19.31 -5.92
CA GLY A 167 4.35 18.71 -5.92
C GLY A 167 3.38 19.35 -6.90
N LEU A 168 2.11 19.06 -6.68
CA LEU A 168 0.99 19.59 -7.44
C LEU A 168 -0.11 19.94 -6.49
N PRO A 169 -0.86 21.00 -6.77
CA PRO A 169 -1.83 21.50 -5.78
C PRO A 169 -2.91 20.50 -5.39
N TRP A 170 -3.17 19.51 -6.24
CA TRP A 170 -4.18 18.55 -5.94
C TRP A 170 -3.65 17.30 -5.14
N ILE A 171 -2.36 17.29 -4.90
CA ILE A 171 -1.75 16.30 -3.99
C ILE A 171 -1.59 17.07 -2.67
N LYS A 172 -2.17 16.52 -1.61
CA LYS A 172 -2.17 17.19 -0.33
CA LYS A 172 -2.28 17.17 -0.30
C LYS A 172 -1.51 16.39 0.76
N ASP A 173 -1.06 17.13 1.77
CA ASP A 173 -0.55 16.49 2.98
C ASP A 173 -1.47 15.39 3.45
N GLY A 174 -0.90 14.25 3.77
CA GLY A 174 -1.64 13.10 4.25
C GLY A 174 -2.19 12.17 3.21
N ASP A 175 -2.11 12.56 1.95
CA ASP A 175 -2.52 11.64 0.86
C ASP A 175 -1.65 10.38 0.91
N ILE A 176 -2.28 9.29 0.49
CA ILE A 176 -1.59 8.02 0.34
C ILE A 176 -1.04 7.96 -1.09
N ILE A 177 0.25 7.66 -1.18
CA ILE A 177 0.97 7.60 -2.46
C ILE A 177 1.29 6.14 -2.72
N ALA A 178 0.85 5.62 -3.87
CA ALA A 178 1.17 4.29 -4.33
C ALA A 178 2.08 4.47 -5.56
N ILE A 179 3.30 3.95 -5.48
CA ILE A 179 4.28 4.12 -6.55
C ILE A 179 4.14 2.99 -7.57
N THR A 180 3.78 3.37 -8.78
CA THR A 180 3.56 2.42 -9.86
C THR A 180 4.90 1.92 -10.39
N THR A 181 4.88 0.71 -10.94
CA THR A 181 6.09 0.05 -11.42
C THR A 181 5.94 -0.59 -12.76
N ASN A 182 7.07 -0.75 -13.45
CA ASN A 182 7.12 -1.48 -14.71
C ASN A 182 7.52 -2.95 -14.54
N THR A 183 7.67 -3.42 -13.33
CA THR A 183 7.96 -4.85 -13.13
C THR A 183 6.84 -5.65 -13.76
N PRO A 184 7.18 -6.65 -14.63
CA PRO A 184 6.13 -7.40 -15.27
C PRO A 184 5.23 -8.13 -14.26
N GLY A 185 3.93 -7.98 -14.47
CA GLY A 185 2.96 -8.59 -13.61
C GLY A 185 2.66 -7.92 -12.30
N LEU A 186 3.25 -6.76 -12.05
CA LEU A 186 3.04 -6.04 -10.79
C LEU A 186 2.62 -4.61 -11.10
N ASP A 187 1.70 -4.07 -10.32
CA ASP A 187 1.18 -2.75 -10.53
C ASP A 187 1.89 -1.68 -9.72
N VAL A 188 2.14 -1.96 -8.44
CA VAL A 188 2.65 -1.00 -7.46
C VAL A 188 3.75 -1.66 -6.70
N ALA A 189 4.82 -0.90 -6.42
CA ALA A 189 6.01 -1.39 -5.71
C ALA A 189 6.27 -0.81 -4.38
N HIS A 190 5.73 0.36 -4.04
CA HIS A 190 6.06 1.03 -2.79
C HIS A 190 4.93 1.99 -2.47
N GLY A 192 3.68 5.36 0.51
CA GLY A 192 3.94 6.22 1.63
C GLY A 192 2.87 7.29 1.75
N ILE A 193 3.18 8.28 2.58
CA ILE A 193 2.27 9.37 2.94
CA ILE A 193 2.24 9.37 2.86
C ILE A 193 2.87 10.71 2.46
N ALA A 194 2.12 11.50 1.73
CA ALA A 194 2.57 12.79 1.23
C ALA A 194 2.79 13.81 2.34
N PHE A 195 3.90 14.51 2.27
CA PHE A 195 4.27 15.53 3.29
C PHE A 195 5.02 16.67 2.58
N TYR A 196 4.45 17.87 2.64
CA TYR A 196 5.12 19.07 2.14
C TYR A 196 5.96 19.72 3.23
N ALA A 197 7.25 19.89 2.97
N ALA A 197 7.24 20.02 2.93
CA ALA A 197 8.10 20.63 3.87
CA ALA A 197 8.16 20.73 3.86
C ALA A 197 8.70 21.71 2.97
C ALA A 197 9.30 21.50 3.12
N ASP A 198 8.61 22.98 3.39
N ASP A 198 9.64 22.68 3.61
CA ASP A 198 9.26 24.11 2.70
CA ASP A 198 10.46 23.60 2.82
C ASP A 198 9.04 24.06 1.17
C ASP A 198 10.17 23.53 1.31
N ASN A 199 7.78 23.91 0.75
N ASN A 199 8.89 23.64 0.97
CA ASN A 199 7.50 23.80 -0.68
CA ASN A 199 8.32 23.80 -0.41
C ASN A 199 8.23 22.60 -1.44
C ASN A 199 8.12 22.56 -1.27
N LYS A 200 8.74 21.55 -0.76
CA LYS A 200 8.97 20.32 -1.44
C LYS A 200 7.97 19.25 -1.02
N LEU A 201 7.51 18.45 -1.98
CA LEU A 201 6.69 17.28 -1.68
C LEU A 201 7.63 16.14 -1.41
N LEU A 202 7.65 15.74 -0.13
CA LEU A 202 8.40 14.65 0.40
C LEU A 202 7.45 13.47 0.66
N LEU A 203 8.05 12.35 1.04
CA LEU A 203 7.27 11.17 1.37
C LEU A 203 7.67 10.68 2.76
N VAL A 204 6.67 10.42 3.60
CA VAL A 204 6.87 9.69 4.85
C VAL A 204 6.63 8.23 4.50
N HIS A 205 7.64 7.39 4.75
CA HIS A 205 7.56 6.00 4.28
C HIS A 205 8.47 5.10 5.05
N ALA A 206 8.16 3.81 5.03
CA ALA A 206 9.02 2.82 5.58
C ALA A 206 10.09 2.47 4.58
N SER A 207 11.34 2.85 4.87
CA SER A 207 12.44 2.66 3.98
C SER A 207 13.24 1.39 4.33
N SER A 208 13.30 0.46 3.41
CA SER A 208 14.09 -0.76 3.64
C SER A 208 15.59 -0.46 3.64
N THR A 209 16.02 0.57 2.93
CA THR A 209 17.42 0.96 2.89
CA THR A 209 17.44 0.89 2.93
C THR A 209 17.85 1.59 4.23
N ASP A 210 17.02 2.51 4.75
CA ASP A 210 17.34 3.14 6.01
CA ASP A 210 17.33 3.17 6.01
C ASP A 210 16.95 2.29 7.19
N LYS A 211 16.18 1.23 6.92
CA LYS A 211 15.76 0.30 7.95
CA LYS A 211 15.72 0.28 7.90
C LYS A 211 14.79 0.88 8.96
N LYS A 212 14.04 1.92 8.57
CA LYS A 212 13.10 2.55 9.49
C LYS A 212 12.21 3.48 8.69
N VAL A 213 11.18 4.00 9.38
CA VAL A 213 10.31 4.99 8.81
C VAL A 213 11.00 6.33 8.83
N VAL A 214 10.98 7.02 7.70
CA VAL A 214 11.68 8.27 7.47
C VAL A 214 10.81 9.27 6.74
N VAL A 215 11.22 10.53 6.89
CA VAL A 215 10.88 11.58 5.93
C VAL A 215 11.94 11.52 4.82
N SER A 216 11.53 11.39 3.56
CA SER A 216 12.47 11.32 2.47
C SER A 216 13.40 12.55 2.48
N LYS A 217 14.67 12.28 2.20
CA LYS A 217 15.69 13.33 2.12
CA LYS A 217 15.72 13.31 2.11
C LYS A 217 15.64 14.07 0.80
N VAL A 218 15.07 13.47 -0.20
CA VAL A 218 14.88 14.10 -1.51
C VAL A 218 13.37 14.13 -1.79
N PRO A 219 12.94 15.02 -2.67
CA PRO A 219 11.53 15.07 -2.98
C PRO A 219 11.04 13.76 -3.62
N LEU A 220 9.73 13.51 -3.51
CA LEU A 220 9.12 12.34 -4.14
C LEU A 220 9.47 12.26 -5.64
N SER A 221 9.48 13.41 -6.32
CA SER A 221 9.84 13.43 -7.76
C SER A 221 11.23 12.82 -7.96
N GLN A 222 12.21 13.13 -7.09
CA GLN A 222 13.58 12.65 -7.23
C GLN A 222 13.62 11.17 -6.89
N LEU A 224 11.32 9.03 -7.46
CA LEU A 224 10.83 8.35 -8.67
C LEU A 224 11.85 8.37 -9.76
N LYS A 225 12.44 9.54 -10.00
CA LYS A 225 13.38 9.75 -11.10
C LYS A 225 14.52 8.80 -10.94
N ASP A 226 14.99 8.59 -9.70
N ASP A 226 14.99 8.55 -9.75
CA ASP A 226 16.16 7.77 -9.32
CA ASP A 226 16.21 7.84 -9.59
C ASP A 226 16.01 6.29 -9.61
C ASP A 226 15.97 6.33 -9.34
N ASN A 227 14.74 5.86 -9.65
CA ASN A 227 14.45 4.45 -9.68
C ASN A 227 13.82 4.03 -11.03
N ASN A 228 14.59 3.32 -11.83
CA ASN A 228 14.15 2.97 -13.17
CA ASN A 228 14.18 2.95 -13.18
C ASN A 228 12.97 2.03 -13.25
N LYS A 229 12.59 1.42 -12.14
CA LYS A 229 11.38 0.61 -12.27
CA LYS A 229 11.43 0.52 -12.04
C LYS A 229 10.15 1.33 -11.76
N TRP A 230 10.32 2.50 -11.18
CA TRP A 230 9.19 3.29 -10.71
C TRP A 230 8.71 4.20 -11.82
N THR A 231 7.45 4.14 -12.16
CA THR A 231 6.91 4.83 -13.31
C THR A 231 6.08 6.08 -12.99
N GLY A 232 5.61 6.21 -11.76
CA GLY A 232 4.65 7.23 -11.46
C GLY A 232 3.98 6.94 -10.14
N ILE A 233 2.85 7.58 -9.91
CA ILE A 233 2.11 7.42 -8.69
C ILE A 233 0.63 7.37 -8.93
N ARG A 234 -0.05 6.63 -8.04
CA ARG A 234 -1.46 6.82 -7.77
C ARG A 234 -1.58 7.55 -6.45
N VAL A 235 -2.57 8.43 -6.35
CA VAL A 235 -2.79 9.28 -5.18
C VAL A 235 -4.17 8.95 -4.67
N LEU A 236 -4.21 8.49 -3.41
CA LEU A 236 -5.47 8.11 -2.77
C LEU A 236 -5.64 9.01 -1.54
N ARG A 237 -6.88 9.20 -1.13
CA ARG A 237 -7.16 10.09 0.01
C ARG A 237 -8.18 9.45 0.89
N LYS A 239 -11.27 8.94 3.15
CA LYS A 239 -12.62 9.49 3.21
CA LYS A 239 -12.61 9.52 3.23
C LYS A 239 -13.21 9.03 4.54
N LYS A 240 -13.48 9.96 5.40
CA LYS A 240 -13.93 9.75 6.80
C LYS A 240 -15.31 10.47 6.93
#